data_3RYA
#
_entry.id   3RYA
#
_cell.length_a   41.628
_cell.length_b   99.555
_cell.length_c   123.910
_cell.angle_alpha   90.000
_cell.angle_beta   90.000
_cell.angle_gamma   90.000
#
_symmetry.space_group_name_H-M   'P 21 21 21'
#
loop_
_entity.id
_entity.type
_entity.pdbx_description
1 polymer 'Oligopeptide-binding protein oppA'
2 polymer Oligopeptide
#
loop_
_entity_poly.entity_id
_entity_poly.type
_entity_poly.pdbx_seq_one_letter_code
_entity_poly.pdbx_strand_id
1 'polypeptide(L)'
;MGSNQSSSTSTKKLKAGNFDVAYQNPDKAIKGGNLKVAYQSDSPMKAQWLSGLSNDATFATMSGPGGGQDGLFFTDSGFK
FIKGGAADVALDKESKTATITLRKDLKWSDGSEVTAKDYEFTYETIANPAYGSDRWTDSLANIVGLSDYHTGKAKTISGI
TFPDGENGKVIKVQFKEMKPGMTQSGNGYFLETVAPYQYLKDVAPKDLASSPKTTTKPLVTGPFKPENVVAGESIKYVPN
PYYWGEKPKLNSITYEVVSTAKSVAALSSSKYDIINGMVSSQYKQVKNLKGYKVLGQQAMYISLMYYNLGHYDAKNSINV
QDRKTPLQDQNVRQAIGYARNVAEVDNKFSNGLSTPANSLIPPIFKQFTSSSVKGYEKQDLDKANKLLDEDGWKLNKSTG
YREKDGKELSLVYAARVGDANAETIAQNYIQQWKKIGVKVSLYNGKLMEFNSWVDHMTTPPGANDWDITDGSWSLASEPS
QQDLFSAAAPYNFGHFNDSEITKDLNDIDSAKSENPTYRKAAFVKYQEDMNKKAYVIPTNFMLNYTPVNKRVVGMTLDYG
AMNTWSEIGVSSAKLATKGSIEGRHHHHHH
;
A
2 'polypeptide(L)' SLSQLSSQS B
#
# COMPACT_ATOMS: atom_id res chain seq x y z
N GLY A 17 -1.07 -18.34 -11.13
CA GLY A 17 -1.96 -19.54 -11.15
C GLY A 17 -3.41 -19.19 -10.86
N ASN A 18 -4.24 -20.21 -10.63
CA ASN A 18 -5.67 -20.01 -10.40
C ASN A 18 -6.26 -20.78 -9.22
N PHE A 19 -6.78 -20.01 -8.27
CA PHE A 19 -7.43 -20.48 -7.06
C PHE A 19 -8.94 -20.32 -7.22
N ASP A 20 -9.67 -20.45 -6.11
CA ASP A 20 -11.00 -19.87 -5.99
C ASP A 20 -10.84 -18.45 -5.45
N VAL A 21 -11.62 -17.50 -5.97
CA VAL A 21 -11.70 -16.16 -5.39
C VAL A 21 -12.79 -16.09 -4.31
N ALA A 22 -13.82 -16.92 -4.45
CA ALA A 22 -14.91 -17.00 -3.48
C ALA A 22 -15.11 -18.43 -3.01
N TYR A 23 -15.26 -18.62 -1.70
CA TYR A 23 -15.68 -19.91 -1.14
C TYR A 23 -17.19 -19.99 -1.20
N GLN A 24 -17.70 -20.92 -2.00
CA GLN A 24 -19.11 -21.00 -2.34
C GLN A 24 -19.77 -22.05 -1.45
N ASN A 25 -20.12 -21.64 -0.23
CA ASN A 25 -20.70 -22.54 0.76
C ASN A 25 -22.21 -22.67 0.57
N PRO A 26 -22.70 -23.88 0.22
CA PRO A 26 -24.15 -24.06 0.03
C PRO A 26 -24.95 -24.07 1.33
N ASP A 27 -24.27 -24.27 2.46
CA ASP A 27 -24.92 -24.31 3.78
C ASP A 27 -25.35 -22.90 4.17
N LYS A 28 -26.65 -22.66 4.25
CA LYS A 28 -27.17 -21.32 4.55
C LYS A 28 -26.82 -20.84 5.96
N ALA A 29 -26.82 -19.52 6.13
CA ALA A 29 -26.29 -18.88 7.35
C ALA A 29 -27.30 -18.77 8.49
N ILE A 30 -26.79 -18.77 9.72
CA ILE A 30 -27.62 -18.57 10.91
C ILE A 30 -27.91 -17.08 11.14
N LYS A 31 -28.74 -16.79 12.15
CA LYS A 31 -29.08 -15.41 12.53
C LYS A 31 -27.89 -14.65 13.11
N GLY A 32 -27.28 -15.22 14.14
CA GLY A 32 -26.26 -14.52 14.92
C GLY A 32 -24.92 -15.21 14.98
N GLY A 33 -24.06 -14.89 14.00
CA GLY A 33 -22.71 -15.43 13.98
C GLY A 33 -21.73 -14.55 14.75
N ASN A 34 -20.67 -15.18 15.28
CA ASN A 34 -19.57 -14.46 15.90
C ASN A 34 -18.27 -14.76 15.14
N LEU A 35 -18.05 -14.02 14.05
CA LEU A 35 -16.90 -14.26 13.18
C LEU A 35 -15.60 -13.87 13.87
N LYS A 36 -14.55 -14.65 13.62
CA LYS A 36 -13.25 -14.45 14.26
C LYS A 36 -12.14 -14.30 13.21
N VAL A 37 -11.87 -13.06 12.83
CA VAL A 37 -10.91 -12.73 11.77
C VAL A 37 -9.56 -12.36 12.38
N ALA A 38 -8.50 -12.46 11.57
CA ALA A 38 -7.15 -12.11 12.00
C ALA A 38 -6.31 -11.65 10.80
N TYR A 39 -5.30 -10.83 11.10
CA TYR A 39 -4.33 -10.37 10.10
C TYR A 39 -2.92 -10.65 10.59
N GLN A 40 -2.08 -11.23 9.72
CA GLN A 40 -0.71 -11.59 10.10
C GLN A 40 0.18 -10.34 10.20
N SER A 41 0.74 -10.12 11.40
CA SER A 41 1.60 -8.95 11.63
C SER A 41 2.37 -9.14 12.92
N ASP A 42 3.69 -8.97 12.86
CA ASP A 42 4.55 -9.11 14.04
C ASP A 42 4.81 -7.77 14.73
N SER A 43 3.99 -6.78 14.41
CA SER A 43 4.05 -5.47 15.05
C SER A 43 2.65 -5.12 15.57
N PRO A 44 2.58 -4.39 16.69
CA PRO A 44 1.29 -3.99 17.23
C PRO A 44 0.41 -3.30 16.20
N MET A 45 -0.90 -3.52 16.34
CA MET A 45 -1.91 -2.81 15.55
C MET A 45 -1.68 -1.30 15.67
N LYS A 46 -1.39 -0.66 14.55
CA LYS A 46 -1.23 0.79 14.48
C LYS A 46 -2.58 1.40 14.09
N ALA A 47 -3.52 1.36 15.03
CA ALA A 47 -4.91 1.71 14.76
C ALA A 47 -5.11 3.21 14.53
N GLN A 48 -5.48 3.56 13.30
CA GLN A 48 -5.82 4.92 12.92
C GLN A 48 -7.00 4.87 11.95
N TRP A 49 -8.12 5.46 12.35
CA TRP A 49 -9.37 5.38 11.58
C TRP A 49 -9.56 6.53 10.59
N LEU A 50 -8.59 7.44 10.51
CA LEU A 50 -8.61 8.48 9.47
C LEU A 50 -7.61 8.14 8.36
N SER A 51 -8.18 7.77 7.20
CA SER A 51 -7.45 7.45 5.99
C SER A 51 -6.23 8.36 5.78
N GLY A 52 -6.46 9.67 5.88
CA GLY A 52 -5.42 10.66 5.61
C GLY A 52 -4.30 10.77 6.63
N LEU A 53 -4.45 10.10 7.78
CA LEU A 53 -3.43 10.13 8.84
C LEU A 53 -2.79 8.76 9.05
N SER A 54 -3.08 7.83 8.14
CA SER A 54 -2.63 6.45 8.28
C SER A 54 -1.84 6.03 7.05
N ASN A 55 -0.84 5.17 7.27
CA ASN A 55 0.02 4.68 6.21
C ASN A 55 0.51 3.28 6.59
N ASP A 56 -0.46 2.37 6.68
CA ASP A 56 -0.20 1.00 7.13
C ASP A 56 -1.21 0.04 6.49
N ALA A 57 -0.72 -1.05 5.91
CA ALA A 57 -1.58 -2.01 5.21
C ALA A 57 -2.35 -2.92 6.17
N THR A 58 -1.74 -3.26 7.31
CA THR A 58 -2.40 -4.14 8.27
C THR A 58 -3.73 -3.55 8.74
N PHE A 59 -3.74 -2.24 9.01
CA PHE A 59 -4.98 -1.58 9.49
C PHE A 59 -5.91 -1.11 8.37
N ALA A 60 -5.38 -0.89 7.17
CA ALA A 60 -6.24 -0.66 6.02
C ALA A 60 -7.24 -1.81 5.91
N THR A 61 -6.72 -3.04 5.97
CA THR A 61 -7.53 -4.25 5.94
C THR A 61 -8.41 -4.42 7.17
N MET A 62 -7.84 -4.15 8.35
CA MET A 62 -8.57 -4.34 9.62
C MET A 62 -9.70 -3.33 9.81
N SER A 63 -9.62 -2.18 9.13
CA SER A 63 -10.70 -1.19 9.15
C SER A 63 -11.89 -1.58 8.26
N GLY A 64 -11.78 -2.67 7.52
CA GLY A 64 -12.81 -3.12 6.58
C GLY A 64 -14.22 -3.07 7.14
N PRO A 65 -14.55 -3.99 8.07
CA PRO A 65 -15.90 -4.05 8.63
C PRO A 65 -16.46 -2.69 9.09
N GLY A 66 -15.57 -1.76 9.43
CA GLY A 66 -15.98 -0.39 9.73
C GLY A 66 -15.86 0.56 8.55
N GLY A 67 -16.20 0.06 7.36
CA GLY A 67 -16.23 0.90 6.17
C GLY A 67 -14.87 1.23 5.58
N GLY A 68 -13.90 0.35 5.80
CA GLY A 68 -12.56 0.45 5.21
C GLY A 68 -12.02 1.86 5.25
N GLN A 69 -11.99 2.43 6.46
CA GLN A 69 -11.49 3.78 6.69
C GLN A 69 -12.41 4.83 6.05
N ASP A 70 -13.72 4.54 6.06
CA ASP A 70 -14.78 5.46 5.65
C ASP A 70 -14.75 5.89 4.19
N GLY A 71 -14.49 4.93 3.30
CA GLY A 71 -14.49 5.18 1.86
C GLY A 71 -15.91 5.30 1.35
N LEU A 72 -16.11 6.21 0.39
CA LEU A 72 -17.45 6.52 -0.12
C LEU A 72 -17.91 5.64 -1.28
N PHE A 73 -17.01 5.30 -2.20
CA PHE A 73 -17.41 4.80 -3.51
C PHE A 73 -17.33 3.29 -3.70
N PHE A 74 -18.42 2.70 -4.18
CA PHE A 74 -18.43 1.33 -4.68
C PHE A 74 -17.74 1.30 -6.04
N THR A 75 -17.27 0.12 -6.44
CA THR A 75 -16.57 -0.04 -7.71
C THR A 75 -16.90 -1.39 -8.35
N ASP A 76 -16.51 -1.54 -9.61
CA ASP A 76 -16.59 -2.83 -10.29
C ASP A 76 -15.37 -3.70 -9.91
N SER A 77 -15.23 -4.86 -10.53
CA SER A 77 -14.10 -5.74 -10.25
C SER A 77 -12.75 -5.19 -10.71
N GLY A 78 -12.78 -4.22 -11.61
CA GLY A 78 -11.56 -3.55 -12.08
C GLY A 78 -11.36 -2.16 -11.48
N PHE A 79 -11.98 -1.92 -10.32
CA PHE A 79 -11.81 -0.69 -9.55
C PHE A 79 -12.32 0.58 -10.24
N LYS A 80 -13.16 0.42 -11.24
CA LYS A 80 -13.80 1.56 -11.90
C LYS A 80 -14.99 1.98 -11.05
N PHE A 81 -15.15 3.29 -10.85
CA PHE A 81 -16.22 3.79 -9.99
C PHE A 81 -17.60 3.45 -10.57
N ILE A 82 -18.42 2.80 -9.75
CA ILE A 82 -19.81 2.50 -10.12
C ILE A 82 -20.74 3.24 -9.15
N LYS A 83 -22.01 3.38 -9.55
CA LYS A 83 -23.02 3.95 -8.66
C LYS A 83 -23.50 2.93 -7.63
N GLY A 84 -24.07 3.40 -6.53
CA GLY A 84 -24.69 2.52 -5.53
C GLY A 84 -24.13 2.58 -4.12
N GLY A 85 -22.88 2.97 -3.97
CA GLY A 85 -22.23 3.02 -2.65
C GLY A 85 -22.68 4.20 -1.81
N ALA A 86 -21.91 4.49 -0.76
CA ALA A 86 -22.18 5.63 0.12
C ALA A 86 -22.40 6.91 -0.68
N ALA A 87 -21.62 7.08 -1.75
CA ALA A 87 -21.78 8.23 -2.62
C ALA A 87 -21.54 7.85 -4.07
N ASP A 88 -22.03 8.69 -4.97
CA ASP A 88 -21.72 8.61 -6.39
C ASP A 88 -20.75 9.73 -6.71
N VAL A 89 -20.04 9.61 -7.82
CA VAL A 89 -19.18 10.69 -8.30
C VAL A 89 -19.34 10.87 -9.80
N ALA A 90 -19.66 12.09 -10.21
CA ALA A 90 -19.95 12.41 -11.61
C ALA A 90 -18.86 13.28 -12.18
N LEU A 91 -17.99 12.67 -13.00
CA LEU A 91 -16.93 13.40 -13.70
C LEU A 91 -17.49 14.08 -14.94
N ASP A 92 -16.98 15.27 -15.24
CA ASP A 92 -17.34 15.96 -16.48
C ASP A 92 -16.12 16.64 -17.08
N LYS A 93 -15.89 16.41 -18.37
CA LYS A 93 -14.68 16.86 -19.04
C LYS A 93 -14.75 18.34 -19.41
N GLU A 94 -15.92 18.81 -19.84
CA GLU A 94 -16.11 20.23 -20.18
C GLU A 94 -15.91 21.14 -18.96
N SER A 95 -16.56 20.79 -17.86
CA SER A 95 -16.43 21.53 -16.60
C SER A 95 -15.07 21.36 -15.96
N LYS A 96 -14.45 20.19 -16.18
CA LYS A 96 -13.24 19.77 -15.47
C LYS A 96 -13.55 19.67 -13.98
N THR A 97 -14.57 18.89 -13.65
CA THR A 97 -15.03 18.75 -12.27
C THR A 97 -15.39 17.31 -11.91
N ALA A 98 -15.59 17.08 -10.62
CA ALA A 98 -16.15 15.83 -10.13
C ALA A 98 -17.22 16.18 -9.11
N THR A 99 -18.48 15.87 -9.43
CA THR A 99 -19.59 16.17 -8.54
C THR A 99 -19.86 14.94 -7.68
N ILE A 100 -19.66 15.10 -6.38
CA ILE A 100 -19.74 14.00 -5.43
C ILE A 100 -21.03 14.13 -4.62
N THR A 101 -21.86 13.08 -4.65
CA THR A 101 -23.17 13.13 -4.01
C THR A 101 -23.31 12.10 -2.89
N LEU A 102 -23.38 12.62 -1.67
CA LEU A 102 -23.60 11.78 -0.50
C LEU A 102 -25.04 11.28 -0.44
N ARG A 103 -25.21 10.02 -0.07
CA ARG A 103 -26.53 9.45 0.17
C ARG A 103 -27.27 10.24 1.24
N LYS A 104 -28.58 10.40 1.08
CA LYS A 104 -29.40 11.10 2.07
C LYS A 104 -29.41 10.38 3.43
N ASP A 105 -29.47 9.05 3.41
CA ASP A 105 -29.50 8.25 4.66
C ASP A 105 -28.13 7.77 5.15
N LEU A 106 -27.06 8.45 4.72
CA LEU A 106 -25.70 8.12 5.14
C LEU A 106 -25.36 8.85 6.43
N LYS A 107 -25.24 8.09 7.53
CA LYS A 107 -24.98 8.64 8.85
C LYS A 107 -23.74 8.02 9.48
N TRP A 108 -23.23 8.66 10.52
CA TRP A 108 -22.14 8.11 11.33
C TRP A 108 -22.69 7.10 12.32
N SER A 109 -21.80 6.37 13.01
CA SER A 109 -22.23 5.28 13.90
C SER A 109 -22.95 5.76 15.16
N ASP A 110 -22.66 6.98 15.61
CA ASP A 110 -23.38 7.58 16.74
C ASP A 110 -24.76 8.11 16.33
N GLY A 111 -25.04 8.13 15.04
CA GLY A 111 -26.33 8.54 14.52
C GLY A 111 -26.33 9.90 13.84
N SER A 112 -25.19 10.57 13.87
CA SER A 112 -25.05 11.88 13.24
C SER A 112 -25.03 11.76 11.71
N GLU A 113 -25.57 12.76 11.03
CA GLU A 113 -25.64 12.76 9.58
C GLU A 113 -24.28 13.04 8.94
N VAL A 114 -23.95 12.27 7.90
CA VAL A 114 -22.76 12.55 7.09
C VAL A 114 -23.14 13.57 6.01
N THR A 115 -22.45 14.71 5.98
CA THR A 115 -22.80 15.81 5.08
C THR A 115 -21.56 16.45 4.45
N ALA A 116 -21.79 17.47 3.63
CA ALA A 116 -20.75 18.11 2.82
C ALA A 116 -19.43 18.39 3.53
N LYS A 117 -19.51 18.99 4.72
CA LYS A 117 -18.33 19.40 5.48
C LYS A 117 -17.43 18.22 5.89
N ASP A 118 -18.04 17.08 6.20
CA ASP A 118 -17.30 15.87 6.55
C ASP A 118 -16.40 15.38 5.43
N TYR A 119 -16.90 15.42 4.19
CA TYR A 119 -16.09 15.06 3.03
C TYR A 119 -14.94 16.03 2.88
N GLU A 120 -15.27 17.32 2.86
CA GLU A 120 -14.29 18.38 2.73
C GLU A 120 -13.25 18.36 3.85
N PHE A 121 -13.67 17.97 5.05
CA PHE A 121 -12.75 17.89 6.19
C PHE A 121 -11.62 16.91 5.92
N THR A 122 -11.89 15.85 5.15
CA THR A 122 -10.86 14.91 4.75
C THR A 122 -9.73 15.62 3.99
N TYR A 123 -10.10 16.59 3.16
CA TYR A 123 -9.12 17.40 2.43
C TYR A 123 -8.29 18.27 3.36
N GLU A 124 -8.93 18.78 4.42
CA GLU A 124 -8.23 19.56 5.43
C GLU A 124 -7.26 18.70 6.23
N THR A 125 -7.67 17.48 6.57
CA THR A 125 -6.83 16.61 7.39
C THR A 125 -5.54 16.18 6.69
N ILE A 126 -5.50 16.28 5.37
CA ILE A 126 -4.27 16.04 4.59
C ILE A 126 -3.59 17.35 4.18
N ALA A 127 -4.35 18.26 3.56
CA ALA A 127 -3.80 19.50 3.00
C ALA A 127 -3.29 20.49 4.05
N ASN A 128 -3.96 20.57 5.19
CA ASN A 128 -3.53 21.46 6.26
C ASN A 128 -2.35 20.83 7.01
N PRO A 129 -1.16 21.48 6.97
CA PRO A 129 0.02 20.80 7.53
C PRO A 129 -0.02 20.61 9.05
N ALA A 130 -0.95 21.29 9.73
CA ALA A 130 -1.08 21.24 11.19
C ALA A 130 -1.38 19.84 11.75
N TYR A 131 -1.99 18.99 10.94
CA TYR A 131 -2.37 17.64 11.37
C TYR A 131 -1.21 16.65 11.24
N GLY A 132 -0.19 17.04 10.47
CA GLY A 132 1.04 16.26 10.35
C GLY A 132 0.90 15.00 9.52
N SER A 133 0.12 15.08 8.45
CA SER A 133 -0.11 13.92 7.58
C SER A 133 1.01 13.80 6.56
N ASP A 134 1.17 12.59 6.04
CA ASP A 134 2.24 12.28 5.08
C ASP A 134 1.70 12.11 3.65
N ARG A 135 0.42 12.37 3.45
CA ARG A 135 -0.26 11.90 2.24
C ARG A 135 -0.53 12.96 1.18
N TRP A 136 -0.05 14.18 1.38
CA TRP A 136 -0.14 15.18 0.33
C TRP A 136 0.71 14.75 -0.87
N THR A 137 0.25 15.15 -2.06
CA THR A 137 0.91 14.85 -3.33
C THR A 137 0.68 16.02 -4.30
N ASP A 138 1.61 16.24 -5.23
CA ASP A 138 1.42 17.22 -6.31
C ASP A 138 0.09 17.01 -7.05
N SER A 139 -0.41 15.78 -7.00
CA SER A 139 -1.70 15.41 -7.58
C SER A 139 -2.85 16.21 -7.01
N LEU A 140 -2.78 16.53 -5.72
CA LEU A 140 -3.82 17.31 -5.05
C LEU A 140 -3.75 18.78 -5.42
N ALA A 141 -2.57 19.24 -5.81
CA ALA A 141 -2.39 20.61 -6.30
C ALA A 141 -3.17 20.87 -7.59
N ASN A 142 -3.55 19.79 -8.29
CA ASN A 142 -4.41 19.87 -9.48
C ASN A 142 -5.80 20.42 -9.19
N ILE A 143 -6.24 20.33 -7.93
CA ILE A 143 -7.51 20.91 -7.50
C ILE A 143 -7.31 22.39 -7.25
N VAL A 144 -8.31 23.19 -7.64
CA VAL A 144 -8.22 24.64 -7.60
C VAL A 144 -8.17 25.17 -6.17
N GLY A 145 -7.31 26.16 -5.95
CA GLY A 145 -7.19 26.83 -4.65
C GLY A 145 -6.80 25.94 -3.49
N LEU A 146 -6.37 24.71 -3.78
CA LEU A 146 -6.04 23.74 -2.75
C LEU A 146 -4.56 23.83 -2.39
N SER A 147 -3.72 24.11 -3.38
CA SER A 147 -2.29 24.29 -3.18
C SER A 147 -2.00 25.51 -2.33
N ASP A 148 -2.69 26.61 -2.60
CA ASP A 148 -2.57 27.84 -1.81
C ASP A 148 -3.03 27.61 -0.37
N TYR A 149 -4.11 26.85 -0.20
CA TYR A 149 -4.59 26.46 1.12
C TYR A 149 -3.54 25.65 1.87
N HIS A 150 -2.87 24.76 1.15
CA HIS A 150 -1.81 23.92 1.72
C HIS A 150 -0.61 24.73 2.20
N THR A 151 -0.23 25.74 1.42
CA THR A 151 0.90 26.61 1.78
C THR A 151 0.50 27.75 2.73
N GLY A 152 -0.80 27.92 2.95
CA GLY A 152 -1.31 28.90 3.92
C GLY A 152 -1.56 30.29 3.36
N LYS A 153 -1.66 30.39 2.04
CA LYS A 153 -1.91 31.67 1.38
C LYS A 153 -3.41 31.97 1.31
N ALA A 154 -4.22 30.92 1.42
CA ALA A 154 -5.68 31.06 1.47
C ALA A 154 -6.22 30.24 2.63
N LYS A 155 -7.21 30.78 3.34
CA LYS A 155 -7.76 30.12 4.52
C LYS A 155 -8.89 29.13 4.19
N THR A 156 -9.26 29.03 2.92
CA THR A 156 -10.20 28.01 2.45
C THR A 156 -9.77 27.45 1.10
N ILE A 157 -10.43 26.36 0.72
CA ILE A 157 -10.19 25.69 -0.56
C ILE A 157 -11.23 26.18 -1.57
N SER A 158 -10.83 27.06 -2.48
CA SER A 158 -11.79 27.69 -3.41
C SER A 158 -12.43 26.68 -4.35
N GLY A 159 -11.64 25.70 -4.79
CA GLY A 159 -12.13 24.67 -5.71
C GLY A 159 -13.25 23.81 -5.14
N ILE A 160 -13.15 23.48 -3.87
CA ILE A 160 -14.17 22.66 -3.20
C ILE A 160 -15.35 23.54 -2.78
N THR A 161 -16.53 23.25 -3.32
CA THR A 161 -17.74 24.04 -3.07
C THR A 161 -18.89 23.16 -2.59
N PHE A 162 -19.86 23.78 -1.90
CA PHE A 162 -20.98 23.07 -1.28
C PHE A 162 -22.34 23.54 -1.81
N PRO A 163 -22.75 23.05 -3.00
CA PRO A 163 -23.98 23.50 -3.66
C PRO A 163 -25.22 23.66 -2.77
N ASP A 164 -25.34 22.86 -1.70
CA ASP A 164 -26.44 23.02 -0.74
C ASP A 164 -25.93 23.08 0.71
N GLY A 165 -24.85 23.83 0.93
CA GLY A 165 -24.35 24.10 2.28
C GLY A 165 -23.53 22.98 2.88
N GLU A 166 -23.02 23.23 4.08
CA GLU A 166 -22.18 22.27 4.79
C GLU A 166 -22.97 21.06 5.31
N ASN A 167 -24.25 21.29 5.64
CA ASN A 167 -25.16 20.21 6.04
C ASN A 167 -25.80 19.49 4.85
N GLY A 168 -25.63 20.04 3.65
CA GLY A 168 -26.11 19.42 2.42
C GLY A 168 -25.30 18.20 2.04
N LYS A 169 -25.76 17.49 1.01
CA LYS A 169 -25.20 16.17 0.65
C LYS A 169 -24.41 16.18 -0.66
N VAL A 170 -24.12 17.37 -1.20
CA VAL A 170 -23.41 17.51 -2.47
C VAL A 170 -22.13 18.32 -2.33
N ILE A 171 -21.04 17.81 -2.89
CA ILE A 171 -19.78 18.54 -2.99
C ILE A 171 -19.36 18.65 -4.46
N LYS A 172 -18.86 19.82 -4.84
CA LYS A 172 -18.42 20.09 -6.22
C LYS A 172 -16.94 20.47 -6.22
N VAL A 173 -16.11 19.58 -6.78
CA VAL A 173 -14.66 19.81 -6.88
C VAL A 173 -14.28 20.24 -8.30
N GLN A 174 -13.81 21.47 -8.44
CA GLN A 174 -13.35 22.00 -9.74
C GLN A 174 -11.86 21.71 -9.89
N PHE A 175 -11.48 21.07 -10.99
CA PHE A 175 -10.08 20.76 -11.28
C PHE A 175 -9.44 21.79 -12.23
N LYS A 176 -8.11 21.79 -12.29
CA LYS A 176 -7.38 22.58 -13.28
C LYS A 176 -7.38 21.86 -14.61
N GLU A 177 -6.83 20.64 -14.61
CA GLU A 177 -6.78 19.77 -15.78
C GLU A 177 -7.36 18.43 -15.40
N MET A 178 -8.18 17.83 -16.27
CA MET A 178 -8.69 16.49 -16.03
C MET A 178 -7.58 15.46 -16.22
N LYS A 179 -7.78 14.28 -15.65
CA LYS A 179 -6.77 13.21 -15.71
C LYS A 179 -7.45 11.88 -15.99
N PRO A 180 -6.75 10.97 -16.68
CA PRO A 180 -7.33 9.71 -17.17
C PRO A 180 -7.71 8.67 -16.10
N GLY A 181 -7.04 8.73 -14.94
CA GLY A 181 -7.33 7.81 -13.84
C GLY A 181 -8.53 8.19 -12.99
N MET A 182 -9.14 9.34 -13.27
CA MET A 182 -10.25 9.86 -12.46
C MET A 182 -11.49 8.97 -12.44
N THR A 183 -11.62 8.08 -13.42
CA THR A 183 -12.74 7.14 -13.47
C THR A 183 -12.51 5.90 -12.60
N GLN A 184 -11.30 5.78 -12.05
CA GLN A 184 -10.86 4.60 -11.31
C GLN A 184 -10.47 4.98 -9.89
N SER A 185 -10.59 4.02 -8.97
CA SER A 185 -10.32 4.28 -7.56
C SER A 185 -8.83 4.27 -7.26
N GLY A 186 -8.41 5.09 -6.30
CA GLY A 186 -7.00 5.19 -5.91
C GLY A 186 -6.17 6.14 -6.75
N ASN A 187 -6.85 6.93 -7.59
CA ASN A 187 -6.15 7.81 -8.54
C ASN A 187 -5.37 8.97 -7.92
N GLY A 188 -5.76 9.38 -6.71
CA GLY A 188 -5.05 10.43 -5.98
C GLY A 188 -5.23 11.85 -6.47
N TYR A 189 -6.07 12.06 -7.48
CA TYR A 189 -6.39 13.41 -7.97
C TYR A 189 -7.61 13.98 -7.26
N PHE A 190 -8.41 13.11 -6.64
CA PHE A 190 -9.40 13.52 -5.65
C PHE A 190 -9.64 12.42 -4.62
N LEU A 191 -10.06 12.84 -3.43
CA LEU A 191 -10.15 11.98 -2.27
C LEU A 191 -11.50 11.27 -2.20
N GLU A 192 -11.52 10.13 -1.53
CA GLU A 192 -12.68 9.23 -1.54
C GLU A 192 -13.15 8.85 -0.14
N THR A 193 -12.72 9.56 0.90
CA THR A 193 -13.16 9.26 2.28
C THR A 193 -13.69 10.49 3.00
N VAL A 194 -14.44 10.24 4.08
CA VAL A 194 -14.96 11.30 4.94
C VAL A 194 -14.38 11.22 6.36
N ALA A 195 -14.38 12.36 7.04
CA ALA A 195 -13.98 12.46 8.44
C ALA A 195 -15.12 13.11 9.24
N PRO A 196 -15.40 12.60 10.45
CA PRO A 196 -16.51 13.14 11.23
C PRO A 196 -16.14 14.48 11.89
N TYR A 197 -16.43 15.57 11.18
CA TYR A 197 -16.02 16.91 11.61
C TYR A 197 -16.56 17.28 12.99
N GLN A 198 -17.86 17.10 13.19
CA GLN A 198 -18.49 17.42 14.48
C GLN A 198 -17.78 16.77 15.67
N TYR A 199 -17.56 15.47 15.56
CA TYR A 199 -16.91 14.69 16.61
C TYR A 199 -15.47 15.12 16.87
N LEU A 200 -14.80 15.65 15.84
CA LEU A 200 -13.37 15.95 15.91
C LEU A 200 -13.01 17.44 15.94
N LYS A 201 -13.95 18.33 15.61
CA LYS A 201 -13.61 19.73 15.36
C LYS A 201 -12.93 20.42 16.54
N ASP A 202 -13.32 20.05 17.76
CA ASP A 202 -12.80 20.70 18.96
C ASP A 202 -11.46 20.12 19.47
N VAL A 203 -10.99 19.04 18.85
CA VAL A 203 -9.66 18.51 19.16
C VAL A 203 -8.62 19.25 18.33
N ALA A 204 -7.54 19.70 18.99
CA ALA A 204 -6.49 20.48 18.33
C ALA A 204 -5.94 19.71 17.13
N PRO A 205 -5.88 20.36 15.95
CA PRO A 205 -5.33 19.73 14.75
C PRO A 205 -4.08 18.91 15.00
N LYS A 206 -3.11 19.49 15.71
CA LYS A 206 -1.87 18.78 16.06
C LYS A 206 -2.08 17.57 16.97
N ASP A 207 -3.15 17.59 17.77
CA ASP A 207 -3.47 16.49 18.70
C ASP A 207 -4.26 15.34 18.06
N LEU A 208 -4.86 15.61 16.90
CA LEU A 208 -5.79 14.67 16.27
C LEU A 208 -5.20 13.29 16.00
N ALA A 209 -3.99 13.25 15.47
CA ALA A 209 -3.31 12.00 15.05
C ALA A 209 -3.30 10.89 16.11
N SER A 210 -3.13 11.30 17.38
N SER A 210 -3.07 11.23 17.38
CA SER A 210 -2.98 10.40 18.52
CA SER A 210 -3.09 10.22 18.45
C SER A 210 -4.18 10.44 19.48
C SER A 210 -4.15 10.50 19.51
N SER A 211 -5.24 11.14 19.10
CA SER A 211 -6.41 11.30 19.96
C SER A 211 -7.16 9.98 20.08
N PRO A 212 -7.81 9.74 21.22
CA PRO A 212 -8.64 8.53 21.32
C PRO A 212 -9.83 8.56 20.36
N LYS A 213 -10.32 9.75 20.03
CA LYS A 213 -11.40 9.93 19.07
C LYS A 213 -11.06 9.54 17.62
N THR A 214 -9.79 9.23 17.34
CA THR A 214 -9.39 8.74 16.02
C THR A 214 -8.48 7.51 16.12
N THR A 215 -8.52 6.83 17.25
CA THR A 215 -7.70 5.63 17.47
C THR A 215 -8.49 4.56 18.23
N THR A 216 -8.88 4.86 19.47
CA THR A 216 -9.59 3.90 20.33
C THR A 216 -11.12 4.11 20.41
N LYS A 217 -11.59 5.32 20.11
CA LYS A 217 -13.02 5.64 20.17
C LYS A 217 -13.48 6.49 18.98
N PRO A 218 -13.48 5.90 17.78
CA PRO A 218 -13.82 6.63 16.56
C PRO A 218 -15.28 6.52 16.17
N LEU A 219 -15.71 7.41 15.27
CA LEU A 219 -17.02 7.29 14.61
C LEU A 219 -16.81 6.77 13.21
N VAL A 220 -17.73 5.91 12.75
CA VAL A 220 -17.59 5.22 11.48
C VAL A 220 -18.88 5.26 10.66
N THR A 221 -18.76 4.95 9.37
CA THR A 221 -19.89 4.89 8.45
C THR A 221 -20.23 3.47 7.99
N GLY A 222 -19.31 2.52 8.19
CA GLY A 222 -19.46 1.17 7.65
C GLY A 222 -20.52 0.31 8.29
N PRO A 223 -20.70 -0.93 7.80
CA PRO A 223 -21.77 -1.82 8.29
C PRO A 223 -21.62 -2.26 9.75
N PHE A 224 -20.40 -2.16 10.28
CA PHE A 224 -20.12 -2.50 11.68
C PHE A 224 -19.41 -1.34 12.36
N LYS A 225 -19.56 -1.25 13.68
CA LYS A 225 -18.85 -0.24 14.45
C LYS A 225 -17.98 -0.88 15.52
N PRO A 226 -16.81 -0.26 15.79
CA PRO A 226 -15.92 -0.75 16.83
C PRO A 226 -16.45 -0.39 18.22
N GLU A 227 -17.04 -1.34 18.92
N GLU A 227 -17.06 -1.36 18.88
CA GLU A 227 -17.55 -1.10 20.26
CA GLU A 227 -17.55 -1.20 20.25
C GLU A 227 -16.42 -1.05 21.29
C GLU A 227 -16.38 -1.01 21.21
N ASN A 228 -15.38 -1.86 21.07
CA ASN A 228 -14.15 -1.76 21.87
C ASN A 228 -12.93 -1.96 20.98
N VAL A 229 -11.86 -1.25 21.30
CA VAL A 229 -10.59 -1.34 20.57
C VAL A 229 -9.45 -1.54 21.56
N VAL A 230 -8.89 -2.74 21.57
CA VAL A 230 -7.72 -3.03 22.40
C VAL A 230 -6.47 -2.61 21.62
N ALA A 231 -5.86 -1.50 22.04
CA ALA A 231 -4.75 -0.87 21.31
C ALA A 231 -3.58 -1.82 21.11
N GLY A 232 -3.12 -1.94 19.87
CA GLY A 232 -2.03 -2.84 19.53
C GLY A 232 -2.43 -4.30 19.52
N GLU A 233 -3.73 -4.58 19.43
CA GLU A 233 -4.23 -5.96 19.43
C GLU A 233 -5.46 -6.17 18.56
N SER A 234 -6.61 -5.67 19.02
CA SER A 234 -7.89 -6.11 18.47
C SER A 234 -8.99 -5.05 18.44
N ILE A 235 -10.05 -5.40 17.72
CA ILE A 235 -11.27 -4.61 17.63
C ILE A 235 -12.45 -5.57 17.81
N LYS A 236 -13.48 -5.15 18.53
CA LYS A 236 -14.75 -5.88 18.52
C LYS A 236 -15.77 -5.09 17.72
N TYR A 237 -16.09 -5.60 16.53
CA TYR A 237 -17.12 -5.04 15.68
C TYR A 237 -18.48 -5.59 16.07
N VAL A 238 -19.45 -4.69 16.28
CA VAL A 238 -20.85 -5.09 16.31
C VAL A 238 -21.52 -4.34 15.16
N PRO A 239 -22.70 -4.83 14.73
CA PRO A 239 -23.42 -4.12 13.67
C PRO A 239 -23.65 -2.64 13.99
N ASN A 240 -23.39 -1.79 13.00
CA ASN A 240 -23.68 -0.37 13.11
C ASN A 240 -25.17 -0.16 12.82
N PRO A 241 -25.97 0.18 13.85
CA PRO A 241 -27.41 0.35 13.64
C PRO A 241 -27.81 1.45 12.66
N TYR A 242 -26.94 2.44 12.44
CA TYR A 242 -27.25 3.55 11.53
C TYR A 242 -26.70 3.37 10.12
N TYR A 243 -26.41 2.13 9.74
CA TYR A 243 -25.86 1.85 8.41
C TYR A 243 -26.93 2.00 7.33
N TRP A 244 -26.55 2.59 6.19
CA TRP A 244 -27.47 2.83 5.07
C TRP A 244 -27.83 1.54 4.31
N GLY A 245 -26.84 0.67 4.13
CA GLY A 245 -27.01 -0.53 3.32
C GLY A 245 -27.76 -1.62 4.04
N GLU A 246 -27.48 -2.87 3.67
CA GLU A 246 -28.20 -4.03 4.21
C GLU A 246 -27.86 -4.29 5.67
N LYS A 247 -28.78 -4.96 6.37
CA LYS A 247 -28.54 -5.41 7.74
C LYS A 247 -27.60 -6.61 7.70
N PRO A 248 -26.46 -6.53 8.42
CA PRO A 248 -25.55 -7.66 8.47
C PRO A 248 -26.13 -8.90 9.13
N LYS A 249 -25.69 -10.07 8.69
CA LYS A 249 -26.13 -11.33 9.29
C LYS A 249 -25.43 -11.60 10.63
N LEU A 250 -24.21 -11.11 10.79
CA LEU A 250 -23.40 -11.44 11.96
C LEU A 250 -23.74 -10.62 13.20
N ASN A 251 -23.49 -11.22 14.36
CA ASN A 251 -23.68 -10.55 15.65
C ASN A 251 -22.47 -9.72 16.04
N SER A 252 -21.28 -10.25 15.74
CA SER A 252 -20.03 -9.61 16.13
C SER A 252 -18.81 -10.19 15.41
N ILE A 253 -17.94 -9.30 14.91
CA ILE A 253 -16.69 -9.72 14.29
C ILE A 253 -15.51 -9.24 15.14
N THR A 254 -14.57 -10.14 15.42
CA THR A 254 -13.36 -9.78 16.14
C THR A 254 -12.17 -9.85 15.19
N TYR A 255 -11.44 -8.74 15.04
CA TYR A 255 -10.32 -8.66 14.10
C TYR A 255 -9.01 -8.37 14.87
N GLU A 256 -8.08 -9.32 14.82
CA GLU A 256 -6.92 -9.32 15.72
C GLU A 256 -5.57 -9.48 15.00
N VAL A 257 -4.51 -9.64 15.80
N VAL A 257 -4.52 -9.63 15.81
CA VAL A 257 -3.18 -10.01 15.34
CA VAL A 257 -3.18 -9.99 15.36
C VAL A 257 -2.58 -10.88 16.45
C VAL A 257 -2.60 -10.89 16.46
N VAL A 258 -2.07 -12.10 16.20
CA VAL A 258 -1.85 -12.79 14.88
C VAL A 258 -0.46 -12.53 14.27
N SER A 259 0.54 -13.17 14.87
CA SER A 259 1.93 -13.14 14.42
C SER A 259 2.22 -14.28 13.46
N THR A 260 3.34 -14.18 12.75
CA THR A 260 3.72 -15.17 11.74
C THR A 260 4.02 -16.56 12.33
N ALA A 261 4.70 -16.60 13.47
CA ALA A 261 5.05 -17.87 14.11
C ALA A 261 3.82 -18.62 14.63
N LYS A 262 2.79 -17.89 15.04
CA LYS A 262 1.58 -18.48 15.64
C LYS A 262 0.41 -18.64 14.67
N SER A 263 0.59 -18.27 13.41
CA SER A 263 -0.50 -18.34 12.43
C SER A 263 -0.97 -19.78 12.21
N VAL A 264 -0.08 -20.65 11.78
CA VAL A 264 -0.40 -22.06 11.55
C VAL A 264 -0.95 -22.73 12.82
N ALA A 265 -0.29 -22.49 13.95
CA ALA A 265 -0.76 -23.01 15.24
C ALA A 265 -2.19 -22.57 15.54
N ALA A 266 -2.54 -21.36 15.11
CA ALA A 266 -3.88 -20.81 15.28
C ALA A 266 -4.89 -21.45 14.33
N LEU A 267 -4.45 -21.79 13.12
CA LEU A 267 -5.32 -22.43 12.13
C LEU A 267 -5.61 -23.89 12.51
N SER A 268 -4.57 -24.61 12.93
CA SER A 268 -4.72 -25.99 13.42
C SER A 268 -5.58 -26.06 14.68
N SER A 269 -5.48 -25.03 15.50
CA SER A 269 -6.31 -24.87 16.71
C SER A 269 -7.74 -24.42 16.37
N SER A 270 -7.96 -24.01 15.13
CA SER A 270 -9.25 -23.46 14.69
C SER A 270 -9.67 -22.27 15.57
N LYS A 271 -8.75 -21.30 15.70
CA LYS A 271 -8.96 -20.11 16.50
C LYS A 271 -9.56 -18.97 15.67
N TYR A 272 -9.29 -18.97 14.36
CA TYR A 272 -9.77 -17.93 13.47
C TYR A 272 -10.51 -18.50 12.27
N ASP A 273 -11.56 -17.82 11.84
CA ASP A 273 -12.27 -18.19 10.62
C ASP A 273 -11.45 -17.79 9.41
N ILE A 274 -10.97 -16.55 9.43
CA ILE A 274 -10.22 -15.95 8.33
C ILE A 274 -8.90 -15.38 8.85
N ILE A 275 -7.82 -15.61 8.12
CA ILE A 275 -6.53 -14.98 8.40
C ILE A 275 -6.00 -14.31 7.14
N ASN A 276 -6.13 -12.98 7.07
CA ASN A 276 -5.67 -12.22 5.91
C ASN A 276 -4.19 -11.82 6.01
N GLY A 277 -3.49 -11.91 4.89
CA GLY A 277 -2.13 -11.38 4.77
C GLY A 277 -1.03 -12.32 5.22
N MET A 278 -1.28 -13.63 5.15
CA MET A 278 -0.27 -14.62 5.52
C MET A 278 0.84 -14.67 4.47
N VAL A 279 2.08 -14.70 4.94
CA VAL A 279 3.27 -14.85 4.08
C VAL A 279 3.14 -16.06 3.17
N SER A 280 3.69 -15.93 1.96
N SER A 280 3.67 -15.93 1.94
CA SER A 280 3.58 -16.93 0.92
CA SER A 280 3.56 -16.96 0.92
C SER A 280 4.16 -18.30 1.32
C SER A 280 4.15 -18.31 1.33
N SER A 281 5.17 -18.29 2.19
CA SER A 281 5.86 -19.51 2.60
C SER A 281 5.06 -20.44 3.51
N GLN A 282 4.02 -19.92 4.16
CA GLN A 282 3.17 -20.74 5.05
C GLN A 282 2.03 -21.44 4.30
N TYR A 283 1.95 -21.25 2.99
CA TYR A 283 0.89 -21.81 2.17
C TYR A 283 0.96 -23.34 2.06
N LYS A 284 2.15 -23.90 1.88
CA LYS A 284 2.32 -25.36 1.81
C LYS A 284 1.91 -26.04 3.13
N GLN A 285 2.04 -25.31 4.22
CA GLN A 285 1.65 -25.81 5.53
C GLN A 285 0.14 -25.68 5.72
N VAL A 286 -0.43 -24.59 5.21
CA VAL A 286 -1.85 -24.28 5.35
C VAL A 286 -2.74 -25.07 4.39
N LYS A 287 -2.21 -25.44 3.22
CA LYS A 287 -2.98 -26.22 2.25
C LYS A 287 -3.44 -27.56 2.82
N ASN A 288 -2.51 -28.24 3.50
CA ASN A 288 -2.78 -29.56 4.05
C ASN A 288 -3.86 -29.55 5.14
N LEU A 289 -4.03 -28.40 5.80
CA LEU A 289 -4.99 -28.28 6.90
C LEU A 289 -6.44 -28.33 6.43
N LYS A 290 -7.17 -29.35 6.86
CA LYS A 290 -8.58 -29.50 6.53
C LYS A 290 -9.41 -28.67 7.49
N GLY A 291 -10.67 -28.47 7.14
CA GLY A 291 -11.54 -27.56 7.88
C GLY A 291 -11.42 -26.13 7.38
N TYR A 292 -10.58 -25.93 6.36
CA TYR A 292 -10.40 -24.62 5.74
C TYR A 292 -10.36 -24.75 4.22
N LYS A 293 -10.99 -23.81 3.53
CA LYS A 293 -10.83 -23.66 2.09
C LYS A 293 -9.88 -22.49 1.89
N VAL A 294 -8.89 -22.66 1.01
CA VAL A 294 -7.91 -21.61 0.76
C VAL A 294 -8.26 -20.87 -0.52
N LEU A 295 -8.73 -19.63 -0.38
CA LEU A 295 -9.02 -18.78 -1.53
C LEU A 295 -7.76 -18.05 -1.95
N GLY A 296 -7.82 -17.37 -3.09
CA GLY A 296 -6.67 -16.60 -3.59
C GLY A 296 -6.97 -15.71 -4.78
N GLN A 297 -6.33 -14.54 -4.81
CA GLN A 297 -6.48 -13.60 -5.92
C GLN A 297 -5.14 -12.98 -6.27
N GLN A 298 -5.09 -12.27 -7.40
CA GLN A 298 -3.93 -11.47 -7.75
C GLN A 298 -3.80 -10.30 -6.77
N ALA A 299 -2.75 -10.34 -5.95
CA ALA A 299 -2.52 -9.32 -4.93
C ALA A 299 -2.18 -8.00 -5.60
N MET A 300 -2.72 -6.90 -5.05
CA MET A 300 -2.43 -5.56 -5.56
C MET A 300 -1.21 -5.06 -4.82
N TYR A 301 -0.04 -5.56 -5.23
CA TYR A 301 1.14 -5.59 -4.37
C TYR A 301 2.43 -5.51 -5.17
N ILE A 302 3.47 -4.95 -4.54
CA ILE A 302 4.82 -4.96 -5.12
C ILE A 302 5.89 -4.91 -4.02
N SER A 303 6.93 -5.73 -4.17
CA SER A 303 8.10 -5.67 -3.29
C SER A 303 9.29 -5.11 -4.06
N LEU A 304 10.11 -4.32 -3.38
CA LEU A 304 11.17 -3.54 -4.02
C LEU A 304 12.49 -3.68 -3.30
N MET A 305 13.54 -3.21 -3.96
CA MET A 305 14.86 -3.06 -3.35
C MET A 305 15.28 -1.60 -3.47
N TYR A 306 15.31 -0.89 -2.34
CA TYR A 306 15.61 0.54 -2.33
C TYR A 306 17.10 0.82 -2.21
N TYR A 307 17.55 1.86 -2.92
CA TYR A 307 18.90 2.37 -2.75
C TYR A 307 18.81 3.77 -2.14
N ASN A 308 19.46 3.97 -1.00
CA ASN A 308 19.50 5.29 -0.38
C ASN A 308 20.37 6.19 -1.24
N LEU A 309 19.74 7.13 -1.93
CA LEU A 309 20.46 8.04 -2.81
C LEU A 309 20.29 9.51 -2.41
N GLY A 310 19.75 9.76 -1.23
CA GLY A 310 19.56 11.13 -0.77
C GLY A 310 18.60 11.27 0.41
N HIS A 311 17.93 12.42 0.47
CA HIS A 311 16.99 12.72 1.56
C HIS A 311 15.79 13.52 1.08
N TYR A 312 14.81 13.68 1.97
CA TYR A 312 13.62 14.49 1.70
C TYR A 312 13.67 15.76 2.53
N ASP A 313 13.68 16.90 1.85
CA ASP A 313 13.55 18.20 2.50
C ASP A 313 12.06 18.50 2.63
N ALA A 314 11.58 18.50 3.87
CA ALA A 314 10.16 18.73 4.16
C ALA A 314 9.80 20.22 4.10
N LYS A 315 10.72 21.08 4.50
CA LYS A 315 10.50 22.52 4.43
C LYS A 315 10.04 22.95 3.03
N ASN A 316 10.69 22.40 2.00
CA ASN A 316 10.33 22.66 0.61
C ASN A 316 9.64 21.48 -0.10
N SER A 317 9.30 20.45 0.67
CA SER A 317 8.68 19.22 0.15
C SER A 317 9.32 18.79 -1.17
N ILE A 318 10.51 18.22 -1.10
CA ILE A 318 11.28 17.92 -2.29
C ILE A 318 12.31 16.81 -2.03
N ASN A 319 12.45 15.88 -2.98
CA ASN A 319 13.49 14.85 -2.88
C ASN A 319 14.82 15.41 -3.39
N VAL A 320 15.86 15.30 -2.56
CA VAL A 320 17.20 15.72 -2.93
C VAL A 320 18.13 14.50 -2.96
N GLN A 321 18.73 14.26 -4.13
CA GLN A 321 19.55 13.08 -4.37
C GLN A 321 21.02 13.37 -4.08
N ASP A 322 21.37 13.49 -2.80
CA ASP A 322 22.67 14.02 -2.38
C ASP A 322 23.53 13.09 -1.55
N ARG A 323 23.06 11.88 -1.29
CA ARG A 323 23.84 10.96 -0.45
C ARG A 323 25.09 10.50 -1.21
N LYS A 324 26.21 10.46 -0.52
CA LYS A 324 27.47 10.05 -1.15
C LYS A 324 27.62 8.54 -1.02
N THR A 325 27.77 7.88 -2.16
CA THR A 325 27.78 6.42 -2.25
C THR A 325 28.14 5.96 -3.67
N PRO A 326 28.72 4.76 -3.80
CA PRO A 326 28.91 4.17 -5.12
C PRO A 326 27.58 3.93 -5.86
N LEU A 327 26.51 3.69 -5.11
CA LEU A 327 25.18 3.50 -5.69
C LEU A 327 24.63 4.76 -6.37
N GLN A 328 25.45 5.78 -6.52
CA GLN A 328 25.07 6.96 -7.29
C GLN A 328 25.40 6.73 -8.77
N ASP A 329 26.23 5.71 -9.05
CA ASP A 329 26.60 5.35 -10.43
C ASP A 329 25.64 4.30 -10.99
N GLN A 330 25.09 4.58 -12.18
CA GLN A 330 24.04 3.74 -12.77
C GLN A 330 24.42 2.26 -12.86
N ASN A 331 25.67 1.98 -13.24
CA ASN A 331 26.13 0.59 -13.40
C ASN A 331 26.08 -0.20 -12.10
N VAL A 332 26.49 0.44 -11.01
CA VAL A 332 26.53 -0.20 -9.69
C VAL A 332 25.12 -0.59 -9.25
N ARG A 333 24.18 0.34 -9.47
CA ARG A 333 22.76 0.09 -9.23
C ARG A 333 22.26 -1.14 -10.00
N GLN A 334 22.55 -1.18 -11.30
CA GLN A 334 22.17 -2.31 -12.14
C GLN A 334 22.86 -3.58 -11.66
N ALA A 335 24.18 -3.51 -11.50
CA ALA A 335 25.01 -4.67 -11.15
C ALA A 335 24.49 -5.36 -9.91
N ILE A 336 24.24 -4.58 -8.86
CA ILE A 336 23.67 -5.12 -7.62
C ILE A 336 22.28 -5.70 -7.87
N GLY A 337 21.53 -5.09 -8.78
CA GLY A 337 20.23 -5.63 -9.20
C GLY A 337 20.33 -6.96 -9.92
N TYR A 338 21.25 -7.06 -10.87
CA TYR A 338 21.44 -8.28 -11.67
C TYR A 338 21.99 -9.47 -10.87
N ALA A 339 22.61 -9.19 -9.72
CA ALA A 339 23.25 -10.20 -8.88
C ALA A 339 22.25 -11.14 -8.21
N ARG A 340 21.13 -10.58 -7.75
CA ARG A 340 20.18 -11.31 -6.89
C ARG A 340 19.54 -12.52 -7.55
N ASN A 341 19.43 -13.61 -6.79
CA ASN A 341 18.80 -14.84 -7.29
C ASN A 341 17.36 -14.98 -6.77
N VAL A 342 16.51 -14.01 -7.12
CA VAL A 342 15.13 -14.00 -6.64
C VAL A 342 14.39 -15.27 -7.08
N ALA A 343 14.47 -15.59 -8.36
CA ALA A 343 13.80 -16.78 -8.92
C ALA A 343 14.05 -18.01 -8.04
N GLU A 344 15.31 -18.22 -7.68
CA GLU A 344 15.68 -19.31 -6.76
C GLU A 344 14.90 -19.27 -5.47
N VAL A 345 14.96 -18.12 -4.80
CA VAL A 345 14.34 -17.94 -3.49
C VAL A 345 12.85 -18.17 -3.57
N ASP A 346 12.22 -17.60 -4.61
CA ASP A 346 10.79 -17.71 -4.80
C ASP A 346 10.33 -19.16 -5.05
N ASN A 347 11.16 -19.94 -5.74
CA ASN A 347 10.84 -21.36 -5.92
C ASN A 347 11.09 -22.15 -4.64
N LYS A 348 12.21 -21.88 -4.00
CA LYS A 348 12.65 -22.66 -2.85
C LYS A 348 11.70 -22.47 -1.66
N PHE A 349 11.13 -21.27 -1.53
CA PHE A 349 10.37 -20.88 -0.34
C PHE A 349 8.93 -20.43 -0.56
N SER A 350 8.61 -19.87 -1.74
CA SER A 350 7.32 -19.17 -1.93
C SER A 350 6.22 -19.96 -2.67
N ASN A 351 6.42 -21.26 -2.87
CA ASN A 351 5.35 -22.15 -3.34
C ASN A 351 4.55 -21.66 -4.57
N GLY A 352 5.22 -20.92 -5.46
CA GLY A 352 4.56 -20.36 -6.63
C GLY A 352 3.55 -19.26 -6.33
N LEU A 353 3.74 -18.56 -5.21
CA LEU A 353 2.88 -17.43 -4.83
C LEU A 353 3.55 -16.08 -5.02
N SER A 354 4.86 -16.07 -5.21
CA SER A 354 5.58 -14.86 -5.59
C SER A 354 6.36 -15.10 -6.88
N THR A 355 6.14 -14.21 -7.83
CA THR A 355 6.82 -14.25 -9.12
C THR A 355 7.77 -13.07 -9.16
N PRO A 356 9.03 -13.29 -9.58
CA PRO A 356 9.94 -12.16 -9.76
C PRO A 356 9.29 -11.09 -10.65
N ALA A 357 9.48 -9.83 -10.30
CA ALA A 357 8.87 -8.74 -11.04
C ALA A 357 9.81 -8.27 -12.16
N ASN A 358 9.24 -7.94 -13.31
CA ASN A 358 10.01 -7.39 -14.41
C ASN A 358 9.93 -5.86 -14.42
N SER A 359 9.00 -5.30 -13.65
CA SER A 359 8.79 -3.86 -13.59
C SER A 359 7.97 -3.45 -12.37
N LEU A 360 7.67 -2.17 -12.28
CA LEU A 360 6.96 -1.63 -11.11
C LEU A 360 5.45 -1.88 -11.14
N ILE A 361 4.88 -1.99 -12.34
CA ILE A 361 3.45 -2.25 -12.51
C ILE A 361 3.16 -3.75 -12.38
N PRO A 362 2.32 -4.13 -11.39
CA PRO A 362 1.96 -5.53 -11.21
C PRO A 362 0.91 -6.01 -12.20
N PRO A 363 0.81 -7.34 -12.39
CA PRO A 363 -0.04 -7.95 -13.42
C PRO A 363 -1.54 -7.66 -13.27
N ILE A 364 -1.97 -7.31 -12.06
CA ILE A 364 -3.36 -6.94 -11.83
C ILE A 364 -3.80 -5.80 -12.76
N PHE A 365 -2.89 -4.86 -13.03
CA PHE A 365 -3.10 -3.85 -14.05
C PHE A 365 -2.60 -4.44 -15.38
N LYS A 366 -3.31 -5.45 -15.87
CA LYS A 366 -2.86 -6.25 -17.00
C LYS A 366 -2.72 -5.41 -18.27
N GLN A 367 -3.63 -4.47 -18.49
CA GLN A 367 -3.57 -3.57 -19.64
C GLN A 367 -2.17 -3.04 -19.84
N PHE A 368 -1.56 -2.58 -18.75
CA PHE A 368 -0.32 -1.84 -18.80
C PHE A 368 0.94 -2.67 -18.53
N THR A 369 0.78 -3.98 -18.34
CA THR A 369 1.94 -4.89 -18.28
C THR A 369 2.28 -5.33 -19.69
N SER A 370 3.51 -5.80 -19.88
CA SER A 370 3.98 -6.25 -21.19
C SER A 370 5.29 -7.01 -21.06
N SER A 371 5.36 -8.18 -21.69
CA SER A 371 6.57 -9.00 -21.66
C SER A 371 7.69 -8.48 -22.57
N SER A 372 7.46 -7.35 -23.24
CA SER A 372 8.51 -6.64 -23.95
C SER A 372 9.49 -5.99 -22.96
N VAL A 373 9.05 -5.79 -21.73
CA VAL A 373 9.87 -5.20 -20.68
C VAL A 373 10.68 -6.28 -19.95
N LYS A 374 12.00 -6.20 -20.09
CA LYS A 374 12.90 -7.02 -19.31
C LYS A 374 13.40 -6.17 -18.13
N GLY A 375 13.47 -6.79 -16.95
CA GLY A 375 13.94 -6.11 -15.75
C GLY A 375 15.09 -6.88 -15.12
N TYR A 376 14.96 -7.21 -13.84
CA TYR A 376 15.99 -7.91 -13.09
C TYR A 376 15.49 -9.27 -12.57
N GLU A 377 14.53 -9.85 -13.28
CA GLU A 377 13.94 -11.16 -12.90
C GLU A 377 14.85 -12.36 -13.23
N LYS A 378 15.88 -12.12 -14.04
CA LYS A 378 16.82 -13.16 -14.45
C LYS A 378 18.22 -12.87 -13.92
N GLN A 379 18.78 -13.80 -13.16
CA GLN A 379 20.13 -13.65 -12.60
C GLN A 379 21.17 -13.59 -13.71
N ASP A 380 22.01 -12.56 -13.66
CA ASP A 380 22.99 -12.30 -14.71
C ASP A 380 24.28 -11.80 -14.09
N LEU A 381 24.94 -12.69 -13.34
CA LEU A 381 26.18 -12.34 -12.64
C LEU A 381 27.22 -11.75 -13.60
N ASP A 382 27.22 -12.28 -14.81
CA ASP A 382 28.26 -12.02 -15.80
C ASP A 382 28.15 -10.60 -16.37
N LYS A 383 26.91 -10.18 -16.63
CA LYS A 383 26.62 -8.82 -17.05
C LYS A 383 26.91 -7.82 -15.93
N ALA A 384 26.55 -8.19 -14.69
CA ALA A 384 26.85 -7.37 -13.53
C ALA A 384 28.37 -7.21 -13.35
N ASN A 385 29.10 -8.33 -13.40
CA ASN A 385 30.56 -8.30 -13.37
C ASN A 385 31.14 -7.31 -14.37
N LYS A 386 30.65 -7.37 -15.60
CA LYS A 386 31.08 -6.42 -16.63
C LYS A 386 30.73 -5.01 -16.22
N LEU A 387 29.45 -4.75 -15.97
CA LEU A 387 28.98 -3.41 -15.60
C LEU A 387 29.88 -2.73 -14.57
N LEU A 388 30.35 -3.51 -13.59
CA LEU A 388 31.26 -2.99 -12.55
C LEU A 388 32.68 -2.76 -13.08
N ASP A 389 33.20 -3.71 -13.85
CA ASP A 389 34.51 -3.55 -14.50
C ASP A 389 34.55 -2.31 -15.39
N GLU A 390 33.43 -2.02 -16.05
CA GLU A 390 33.34 -0.92 -16.99
C GLU A 390 33.17 0.45 -16.31
N ASP A 391 32.95 0.45 -15.00
CA ASP A 391 32.83 1.70 -14.23
C ASP A 391 34.02 1.91 -13.31
N GLY A 392 35.12 1.19 -13.56
CA GLY A 392 36.37 1.41 -12.83
C GLY A 392 36.49 0.68 -11.51
N TRP A 393 35.49 -0.14 -11.19
CA TRP A 393 35.56 -1.01 -10.01
C TRP A 393 36.26 -2.30 -10.42
N LYS A 394 37.55 -2.41 -10.08
CA LYS A 394 38.37 -3.56 -10.42
C LYS A 394 38.41 -4.55 -9.26
N LEU A 395 38.38 -5.84 -9.60
CA LEU A 395 38.42 -6.91 -8.60
C LEU A 395 39.81 -7.06 -8.01
N ASN A 396 39.88 -7.06 -6.67
CA ASN A 396 41.13 -7.31 -5.95
C ASN A 396 41.30 -8.81 -5.69
N LYS A 397 42.04 -9.46 -6.57
CA LYS A 397 42.15 -10.93 -6.58
C LYS A 397 42.61 -11.52 -5.25
N SER A 398 43.25 -10.71 -4.41
CA SER A 398 43.63 -11.12 -3.06
C SER A 398 42.38 -11.37 -2.21
N THR A 399 41.50 -10.37 -2.15
CA THR A 399 40.31 -10.42 -1.28
C THR A 399 39.02 -10.82 -2.00
N GLY A 400 38.99 -10.67 -3.31
CA GLY A 400 37.82 -11.03 -4.10
C GLY A 400 36.70 -10.01 -4.06
N TYR A 401 37.00 -8.80 -3.57
CA TYR A 401 36.06 -7.68 -3.59
C TYR A 401 36.64 -6.56 -4.44
N ARG A 402 35.77 -5.76 -5.04
CA ARG A 402 36.21 -4.72 -5.98
C ARG A 402 36.65 -3.47 -5.27
N GLU A 403 37.77 -2.92 -5.74
CA GLU A 403 38.26 -1.64 -5.26
C GLU A 403 38.27 -0.66 -6.42
N LYS A 404 37.84 0.56 -6.16
CA LYS A 404 37.99 1.63 -7.13
C LYS A 404 38.73 2.77 -6.49
N ASP A 405 39.88 3.09 -7.05
CA ASP A 405 40.51 4.37 -6.78
C ASP A 405 40.62 4.58 -5.25
N GLY A 406 41.10 3.52 -4.57
CA GLY A 406 41.39 3.56 -3.15
C GLY A 406 40.40 2.79 -2.29
N LYS A 407 39.11 3.14 -2.41
CA LYS A 407 38.07 2.64 -1.51
C LYS A 407 37.51 1.27 -1.93
N GLU A 408 37.28 0.39 -0.96
N GLU A 408 37.27 0.41 -0.95
CA GLU A 408 36.70 -0.92 -1.22
CA GLU A 408 36.67 -0.90 -1.15
C GLU A 408 35.19 -0.78 -1.41
C GLU A 408 35.18 -0.76 -1.41
N LEU A 409 34.64 -1.56 -2.32
CA LEU A 409 33.20 -1.53 -2.60
C LEU A 409 32.47 -2.34 -1.54
N SER A 410 31.91 -1.63 -0.56
N SER A 410 31.89 -1.63 -0.57
CA SER A 410 31.16 -2.24 0.54
CA SER A 410 31.15 -2.25 0.52
C SER A 410 29.89 -1.46 0.81
C SER A 410 29.89 -1.46 0.83
N LEU A 411 28.79 -2.15 1.07
CA LEU A 411 27.50 -1.51 1.35
C LEU A 411 26.77 -2.13 2.53
N VAL A 412 25.89 -1.34 3.14
CA VAL A 412 25.09 -1.76 4.29
C VAL A 412 23.69 -2.14 3.80
N TYR A 413 23.22 -3.31 4.22
CA TYR A 413 21.95 -3.85 3.75
C TYR A 413 20.93 -3.92 4.88
N ALA A 414 19.98 -2.98 4.86
CA ALA A 414 18.93 -2.91 5.87
C ALA A 414 17.82 -3.89 5.54
N ALA A 415 18.10 -5.17 5.77
CA ALA A 415 17.13 -6.24 5.54
C ALA A 415 16.15 -6.26 6.68
N ARG A 416 14.92 -6.70 6.40
CA ARG A 416 13.85 -6.68 7.40
C ARG A 416 13.55 -8.07 7.96
N VAL A 417 12.76 -8.09 9.02
CA VAL A 417 12.27 -9.31 9.62
C VAL A 417 11.11 -9.89 8.79
N GLY A 418 11.00 -11.20 8.79
CA GLY A 418 9.92 -11.90 8.11
C GLY A 418 9.72 -13.29 8.68
N ASP A 419 9.51 -14.26 7.79
CA ASP A 419 9.23 -15.64 8.19
C ASP A 419 10.49 -16.36 8.70
N ALA A 420 10.40 -17.68 8.89
CA ALA A 420 11.53 -18.50 9.34
C ALA A 420 12.70 -18.53 8.34
N ASN A 421 12.43 -18.14 7.09
CA ASN A 421 13.45 -18.07 6.05
C ASN A 421 14.08 -16.69 5.94
N ALA A 422 13.43 -15.69 6.52
CA ALA A 422 13.89 -14.30 6.49
C ALA A 422 15.40 -14.18 6.63
N GLU A 423 15.95 -14.87 7.63
CA GLU A 423 17.38 -14.79 7.96
C GLU A 423 18.24 -15.43 6.86
N THR A 424 17.79 -16.56 6.35
CA THR A 424 18.53 -17.34 5.36
C THR A 424 18.55 -16.64 4.00
N ILE A 425 17.44 -16.00 3.65
CA ILE A 425 17.33 -15.25 2.38
C ILE A 425 18.28 -14.05 2.33
N ALA A 426 18.36 -13.31 3.44
CA ALA A 426 19.22 -12.13 3.52
C ALA A 426 20.70 -12.48 3.35
N GLN A 427 21.11 -13.59 3.95
CA GLN A 427 22.50 -14.06 3.83
C GLN A 427 22.77 -14.65 2.46
N ASN A 428 21.73 -15.24 1.86
CA ASN A 428 21.82 -15.75 0.50
C ASN A 428 22.19 -14.63 -0.48
N TYR A 429 21.54 -13.47 -0.35
CA TYR A 429 21.79 -12.32 -1.23
C TYR A 429 23.18 -11.71 -1.06
N ILE A 430 23.74 -11.81 0.14
CA ILE A 430 25.13 -11.40 0.38
C ILE A 430 26.07 -12.25 -0.47
N GLN A 431 25.90 -13.58 -0.45
CA GLN A 431 26.70 -14.48 -1.30
C GLN A 431 26.69 -13.97 -2.74
N GLN A 432 25.50 -13.71 -3.25
CA GLN A 432 25.32 -13.28 -4.64
C GLN A 432 26.08 -11.99 -4.91
N TRP A 433 26.03 -11.04 -3.98
CA TRP A 433 26.78 -9.79 -4.11
C TRP A 433 28.28 -10.02 -3.92
N LYS A 434 28.63 -11.00 -3.10
CA LYS A 434 30.01 -11.45 -2.97
C LYS A 434 30.53 -12.04 -4.30
N LYS A 435 29.65 -12.74 -5.01
CA LYS A 435 30.02 -13.35 -6.30
C LYS A 435 30.44 -12.33 -7.36
N ILE A 436 29.90 -11.11 -7.28
CA ILE A 436 30.25 -10.04 -8.24
C ILE A 436 31.21 -9.01 -7.66
N GLY A 437 31.73 -9.28 -6.46
CA GLY A 437 32.80 -8.47 -5.88
C GLY A 437 32.35 -7.35 -4.95
N VAL A 438 31.11 -7.43 -4.48
CA VAL A 438 30.57 -6.43 -3.57
C VAL A 438 30.48 -7.03 -2.16
N LYS A 439 30.86 -6.25 -1.15
CA LYS A 439 30.85 -6.72 0.23
C LYS A 439 29.70 -6.11 1.03
N VAL A 440 28.62 -6.89 1.18
CA VAL A 440 27.42 -6.42 1.85
C VAL A 440 27.37 -6.92 3.30
N SER A 441 26.85 -6.07 4.19
N SER A 441 26.85 -6.07 4.19
CA SER A 441 26.70 -6.42 5.60
CA SER A 441 26.72 -6.38 5.62
C SER A 441 25.35 -5.94 6.13
C SER A 441 25.33 -5.95 6.11
N LEU A 442 24.78 -6.71 7.06
CA LEU A 442 23.45 -6.40 7.62
C LEU A 442 23.50 -5.13 8.47
N TYR A 443 22.38 -4.40 8.50
CA TYR A 443 22.29 -3.17 9.29
C TYR A 443 22.28 -3.48 10.78
N ASN A 444 23.28 -2.97 11.50
CA ASN A 444 23.48 -3.26 12.92
C ASN A 444 23.59 -4.76 13.21
N GLY A 445 24.17 -5.49 12.27
CA GLY A 445 24.43 -6.93 12.41
C GLY A 445 23.23 -7.77 12.78
N LYS A 446 22.04 -7.32 12.40
CA LYS A 446 20.80 -8.00 12.77
C LYS A 446 19.71 -7.65 11.76
N LEU A 447 18.69 -8.49 11.66
CA LEU A 447 17.51 -8.16 10.87
C LEU A 447 16.72 -7.06 11.58
N MET A 448 16.06 -6.21 10.80
CA MET A 448 15.39 -5.02 11.33
C MET A 448 13.89 -5.26 11.53
N GLU A 449 13.40 -4.97 12.73
CA GLU A 449 11.97 -5.07 13.04
C GLU A 449 11.20 -4.02 12.24
N PHE A 450 9.96 -4.35 11.90
CA PHE A 450 9.16 -3.56 10.95
C PHE A 450 8.89 -2.12 11.42
N ASN A 451 8.21 -1.98 12.55
CA ASN A 451 7.88 -0.65 13.07
C ASN A 451 9.11 0.26 13.18
N SER A 452 10.26 -0.31 13.55
CA SER A 452 11.51 0.45 13.60
C SER A 452 12.03 0.74 12.19
N TRP A 453 11.83 -0.21 11.27
CA TRP A 453 12.14 0.01 9.86
C TRP A 453 11.32 1.17 9.33
N VAL A 454 10.02 1.15 9.62
CA VAL A 454 9.10 2.22 9.20
C VAL A 454 9.67 3.56 9.63
N ASP A 455 9.94 3.69 10.93
CA ASP A 455 10.49 4.93 11.48
C ASP A 455 11.76 5.34 10.73
N HIS A 456 12.66 4.39 10.54
CA HIS A 456 13.97 4.66 9.95
C HIS A 456 13.87 5.20 8.51
N MET A 457 12.90 4.69 7.74
CA MET A 457 12.73 5.08 6.35
C MET A 457 11.69 6.17 6.17
N THR A 458 10.55 6.03 6.84
CA THR A 458 9.41 6.93 6.62
C THR A 458 9.54 8.29 7.31
N THR A 459 10.25 8.35 8.44
CA THR A 459 10.46 9.62 9.13
C THR A 459 11.45 10.46 8.33
N PRO A 460 11.15 11.76 8.15
CA PRO A 460 12.15 12.66 7.57
C PRO A 460 13.27 12.97 8.56
N PRO A 461 14.45 13.40 8.06
CA PRO A 461 14.77 13.62 6.66
C PRO A 461 15.15 12.34 5.93
N GLY A 462 15.70 11.38 6.67
CA GLY A 462 16.14 10.10 6.12
C GLY A 462 17.41 9.66 6.81
N ALA A 463 17.52 8.36 7.07
CA ALA A 463 18.70 7.81 7.74
C ALA A 463 19.94 7.99 6.86
N ASN A 464 21.10 7.98 7.49
CA ASN A 464 22.36 8.27 6.81
C ASN A 464 23.22 7.04 6.58
N ASP A 465 22.90 5.95 7.27
CA ASP A 465 23.83 4.84 7.49
C ASP A 465 23.37 3.51 6.87
N TRP A 466 22.50 3.57 5.87
CA TRP A 466 22.08 2.37 5.14
C TRP A 466 22.18 2.62 3.64
N ASP A 467 22.59 1.58 2.91
CA ASP A 467 22.76 1.66 1.46
C ASP A 467 21.61 0.95 0.75
N ILE A 468 21.37 -0.30 1.10
CA ILE A 468 20.31 -1.11 0.49
C ILE A 468 19.21 -1.45 1.50
N THR A 469 17.97 -1.56 1.02
CA THR A 469 16.87 -2.06 1.83
C THR A 469 15.77 -2.66 0.96
N ASP A 470 14.90 -3.46 1.57
CA ASP A 470 13.71 -3.99 0.92
C ASP A 470 12.51 -3.18 1.35
N GLY A 471 11.44 -3.21 0.57
CA GLY A 471 10.23 -2.45 0.91
C GLY A 471 9.00 -2.87 0.14
N SER A 472 8.03 -3.44 0.86
N SER A 472 8.03 -3.46 0.85
CA SER A 472 6.79 -3.93 0.24
CA SER A 472 6.80 -3.94 0.23
C SER A 472 5.69 -2.88 0.29
C SER A 472 5.69 -2.89 0.29
N TRP A 473 4.69 -3.08 -0.55
CA TRP A 473 3.56 -2.16 -0.65
C TRP A 473 2.26 -2.88 -1.02
N SER A 474 1.16 -2.40 -0.45
N SER A 474 1.16 -2.39 -0.46
CA SER A 474 -0.18 -2.65 -0.99
CA SER A 474 -0.17 -2.64 -0.99
C SER A 474 -0.52 -1.41 -1.81
C SER A 474 -0.51 -1.40 -1.82
N LEU A 475 -0.40 -1.52 -3.13
CA LEU A 475 -0.53 -0.37 -4.02
C LEU A 475 -1.96 0.17 -4.09
N ALA A 476 -2.07 1.41 -4.54
CA ALA A 476 -3.36 2.02 -4.81
C ALA A 476 -4.05 1.29 -5.95
N SER A 477 -5.37 1.41 -6.03
CA SER A 477 -6.14 0.70 -7.05
C SER A 477 -6.12 1.36 -8.43
N GLU A 478 -5.23 2.34 -8.62
CA GLU A 478 -5.03 2.96 -9.92
C GLU A 478 -3.53 2.89 -10.23
N PRO A 479 -3.17 2.40 -11.43
CA PRO A 479 -1.77 2.05 -11.71
C PRO A 479 -0.74 3.18 -11.57
N SER A 480 -1.17 4.43 -11.76
CA SER A 480 -0.26 5.58 -11.67
C SER A 480 0.51 5.59 -10.36
N GLN A 481 1.81 5.87 -10.44
CA GLN A 481 2.71 5.76 -9.28
C GLN A 481 3.28 7.11 -8.82
N GLN A 482 2.53 8.19 -9.04
CA GLN A 482 2.97 9.54 -8.68
C GLN A 482 3.17 9.71 -7.17
N ASP A 483 2.41 8.98 -6.36
CA ASP A 483 2.45 9.15 -4.91
C ASP A 483 3.71 8.49 -4.31
N LEU A 484 4.28 7.53 -5.03
CA LEU A 484 5.44 6.76 -4.56
C LEU A 484 6.78 7.32 -5.02
N PHE A 485 6.84 7.78 -6.27
CA PHE A 485 8.12 8.11 -6.88
C PHE A 485 8.27 9.53 -7.44
N SER A 486 7.22 10.35 -7.34
CA SER A 486 7.33 11.74 -7.80
C SER A 486 8.38 12.49 -6.99
N ALA A 487 8.83 13.62 -7.51
CA ALA A 487 9.86 14.43 -6.84
C ALA A 487 9.42 14.86 -5.45
N ALA A 488 8.19 15.37 -5.36
CA ALA A 488 7.64 15.84 -4.08
C ALA A 488 7.19 14.71 -3.15
N ALA A 489 7.21 13.46 -3.65
CA ALA A 489 6.74 12.31 -2.88
C ALA A 489 7.61 12.04 -1.66
N PRO A 490 7.01 11.97 -0.46
CA PRO A 490 7.75 11.53 0.72
C PRO A 490 7.86 9.99 0.84
N TYR A 491 7.16 9.26 -0.02
CA TYR A 491 7.25 7.79 -0.01
C TYR A 491 8.34 7.28 -0.95
N ASN A 492 9.05 8.21 -1.58
CA ASN A 492 10.26 7.90 -2.35
C ASN A 492 11.42 7.74 -1.35
N PHE A 493 11.61 6.51 -0.87
CA PHE A 493 12.58 6.25 0.19
C PHE A 493 14.03 6.19 -0.29
N GLY A 494 14.22 5.98 -1.59
CA GLY A 494 15.54 6.12 -2.19
C GLY A 494 15.93 7.58 -2.30
N HIS A 495 14.92 8.44 -2.53
CA HIS A 495 15.07 9.89 -2.60
C HIS A 495 15.76 10.37 -3.87
N PHE A 496 15.57 9.62 -4.95
CA PHE A 496 16.09 10.04 -6.25
C PHE A 496 15.25 11.20 -6.79
N ASN A 497 15.83 11.92 -7.74
CA ASN A 497 15.15 13.02 -8.41
C ASN A 497 15.69 13.09 -9.82
N ASP A 498 14.84 12.77 -10.79
CA ASP A 498 15.27 12.62 -12.17
C ASP A 498 14.22 13.23 -13.09
N SER A 499 14.60 14.30 -13.80
CA SER A 499 13.65 15.03 -14.65
C SER A 499 13.02 14.16 -15.75
N GLU A 500 13.74 13.12 -16.19
N GLU A 500 13.73 13.11 -16.18
CA GLU A 500 13.21 12.14 -17.13
CA GLU A 500 13.20 12.16 -17.15
C GLU A 500 12.11 11.29 -16.53
C GLU A 500 12.09 11.29 -16.53
N ILE A 501 12.33 10.81 -15.31
CA ILE A 501 11.34 9.99 -14.60
C ILE A 501 10.15 10.86 -14.16
N THR A 502 10.41 12.12 -13.84
CA THR A 502 9.33 13.08 -13.61
C THR A 502 8.48 13.28 -14.87
N LYS A 503 9.12 13.29 -16.03
N LYS A 503 9.12 13.28 -16.04
CA LYS A 503 8.42 13.42 -17.31
CA LYS A 503 8.42 13.42 -17.31
C LYS A 503 7.59 12.18 -17.65
C LYS A 503 7.59 12.17 -17.65
N ASP A 504 8.12 11.00 -17.32
CA ASP A 504 7.39 9.74 -17.54
C ASP A 504 6.15 9.65 -16.67
N LEU A 505 6.34 9.80 -15.35
CA LEU A 505 5.22 9.86 -14.41
C LEU A 505 4.14 10.85 -14.87
N ASN A 506 4.55 12.03 -15.33
CA ASN A 506 3.61 13.07 -15.77
C ASN A 506 2.91 12.74 -17.09
N ASP A 507 3.65 12.16 -18.03
CA ASP A 507 3.11 11.84 -19.35
C ASP A 507 2.04 10.74 -19.26
N ILE A 508 2.14 9.87 -18.25
CA ILE A 508 1.14 8.83 -18.02
C ILE A 508 -0.21 9.42 -17.63
N ASP A 509 -0.19 10.58 -16.96
CA ASP A 509 -1.42 11.26 -16.55
C ASP A 509 -1.70 12.49 -17.41
N SER A 510 -1.12 12.56 -18.60
CA SER A 510 -1.30 13.71 -19.48
C SER A 510 -2.64 13.63 -20.21
N ALA A 511 -3.04 14.74 -20.84
CA ALA A 511 -4.28 14.79 -21.62
C ALA A 511 -4.25 13.81 -22.80
N LYS A 512 -3.06 13.55 -23.33
CA LYS A 512 -2.87 12.57 -24.40
C LYS A 512 -3.09 11.13 -23.94
N SER A 513 -2.94 10.89 -22.63
CA SER A 513 -3.13 9.54 -22.07
C SER A 513 -4.59 9.20 -21.76
N GLU A 514 -5.53 10.01 -22.24
CA GLU A 514 -6.94 9.63 -22.24
C GLU A 514 -7.16 8.51 -23.25
N ASN A 515 -6.41 8.56 -24.36
CA ASN A 515 -6.37 7.50 -25.34
C ASN A 515 -5.47 6.35 -24.85
N PRO A 516 -6.08 5.20 -24.50
CA PRO A 516 -5.41 4.09 -23.80
C PRO A 516 -4.27 3.41 -24.56
N THR A 517 -4.21 3.58 -25.88
CA THR A 517 -3.07 3.14 -26.66
C THR A 517 -1.84 3.98 -26.32
N TYR A 518 -2.05 5.28 -26.16
CA TYR A 518 -0.97 6.22 -25.85
C TYR A 518 -0.42 5.96 -24.45
N ARG A 519 -1.33 5.90 -23.48
CA ARG A 519 -0.98 5.66 -22.09
C ARG A 519 -0.28 4.32 -21.91
N LYS A 520 -0.73 3.31 -22.65
CA LYS A 520 -0.06 2.00 -22.68
C LYS A 520 1.44 2.18 -22.95
N ALA A 521 1.77 3.07 -23.88
CA ALA A 521 3.17 3.38 -24.24
C ALA A 521 3.87 4.19 -23.16
N ALA A 522 3.17 5.19 -22.60
CA ALA A 522 3.71 6.05 -21.55
C ALA A 522 4.08 5.25 -20.30
N PHE A 523 3.25 4.26 -19.97
CA PHE A 523 3.55 3.30 -18.88
C PHE A 523 4.76 2.41 -19.19
N VAL A 524 4.91 1.98 -20.43
CA VAL A 524 6.04 1.15 -20.85
C VAL A 524 7.35 1.92 -20.70
N LYS A 525 7.41 3.09 -21.31
CA LYS A 525 8.59 3.95 -21.24
C LYS A 525 8.99 4.14 -19.78
N TYR A 526 8.02 4.54 -18.97
CA TYR A 526 8.21 4.66 -17.52
C TYR A 526 8.90 3.42 -16.96
N GLN A 527 8.32 2.25 -17.23
CA GLN A 527 8.85 0.98 -16.71
C GLN A 527 10.24 0.66 -17.23
N GLU A 528 10.52 1.02 -18.48
CA GLU A 528 11.82 0.75 -19.07
C GLU A 528 12.88 1.74 -18.59
N ASP A 529 12.49 3.02 -18.45
CA ASP A 529 13.37 4.02 -17.86
C ASP A 529 13.65 3.72 -16.40
N MET A 530 12.62 3.31 -15.66
CA MET A 530 12.78 2.99 -14.23
C MET A 530 13.65 1.76 -13.98
N ASN A 531 13.66 0.82 -14.93
CA ASN A 531 14.55 -0.36 -14.82
C ASN A 531 15.96 -0.01 -15.27
N LYS A 532 16.07 0.81 -16.31
CA LYS A 532 17.38 1.23 -16.81
C LYS A 532 18.09 2.15 -15.82
N LYS A 533 17.35 3.11 -15.27
CA LYS A 533 17.88 4.02 -14.25
C LYS A 533 18.16 3.28 -12.94
N ALA A 534 17.42 2.20 -12.70
CA ALA A 534 17.69 1.28 -11.58
C ALA A 534 17.77 1.94 -10.20
N TYR A 535 17.06 3.05 -10.01
CA TYR A 535 16.99 3.72 -8.69
C TYR A 535 16.34 2.80 -7.67
N VAL A 536 15.37 2.02 -8.14
CA VAL A 536 14.74 0.97 -7.35
C VAL A 536 14.71 -0.29 -8.19
N ILE A 537 15.01 -1.43 -7.57
CA ILE A 537 15.02 -2.71 -8.29
C ILE A 537 13.81 -3.52 -7.87
N PRO A 538 12.89 -3.81 -8.81
CA PRO A 538 11.68 -4.55 -8.44
C PRO A 538 12.01 -5.98 -8.03
N THR A 539 11.35 -6.47 -6.98
CA THR A 539 11.59 -7.81 -6.48
C THR A 539 10.46 -8.77 -6.90
N ASN A 540 9.32 -8.72 -6.21
CA ASN A 540 8.25 -9.69 -6.44
C ASN A 540 6.84 -9.12 -6.66
N PHE A 541 6.14 -9.70 -7.64
CA PHE A 541 4.68 -9.66 -7.69
C PHE A 541 4.19 -10.86 -6.88
N MET A 542 2.93 -10.85 -6.48
CA MET A 542 2.43 -11.84 -5.52
C MET A 542 0.96 -12.17 -5.70
N LEU A 543 0.63 -13.46 -5.54
CA LEU A 543 -0.76 -13.91 -5.50
C LEU A 543 -1.19 -14.05 -4.06
N ASN A 544 -2.29 -13.39 -3.70
CA ASN A 544 -2.86 -13.49 -2.35
C ASN A 544 -3.40 -14.88 -2.05
N TYR A 545 -3.52 -15.17 -0.76
CA TYR A 545 -4.31 -16.32 -0.33
C TYR A 545 -4.88 -16.09 1.07
N THR A 546 -6.09 -16.58 1.29
CA THR A 546 -6.76 -16.48 2.58
C THR A 546 -7.39 -17.82 2.91
N PRO A 547 -7.02 -18.41 4.07
CA PRO A 547 -7.72 -19.61 4.47
C PRO A 547 -9.03 -19.26 5.16
N VAL A 548 -10.15 -19.66 4.55
CA VAL A 548 -11.47 -19.48 5.14
C VAL A 548 -11.96 -20.79 5.72
N ASN A 549 -12.47 -20.74 6.94
CA ASN A 549 -12.98 -21.92 7.62
C ASN A 549 -14.26 -22.38 6.94
N LYS A 550 -14.42 -23.69 6.80
CA LYS A 550 -15.53 -24.27 6.05
C LYS A 550 -16.93 -23.92 6.58
N ARG A 551 -17.02 -23.46 7.83
CA ARG A 551 -18.30 -23.05 8.41
C ARG A 551 -18.80 -21.68 7.91
N VAL A 552 -17.90 -20.87 7.36
CA VAL A 552 -18.25 -19.52 6.91
C VAL A 552 -18.99 -19.56 5.58
N VAL A 553 -19.99 -18.69 5.44
CA VAL A 553 -20.81 -18.60 4.21
C VAL A 553 -20.79 -17.16 3.68
N GLY A 554 -20.80 -17.04 2.35
CA GLY A 554 -20.82 -15.72 1.69
C GLY A 554 -19.48 -15.00 1.57
N MET A 555 -18.38 -15.68 1.87
CA MET A 555 -17.04 -15.08 1.81
C MET A 555 -16.48 -15.11 0.39
N THR A 556 -15.77 -14.05 0.03
CA THR A 556 -15.15 -13.92 -1.28
C THR A 556 -14.10 -12.81 -1.28
N LEU A 557 -13.08 -12.99 -2.12
CA LEU A 557 -12.02 -12.00 -2.30
C LEU A 557 -12.30 -11.12 -3.52
N ASP A 558 -13.38 -11.44 -4.23
CA ASP A 558 -13.76 -10.72 -5.44
C ASP A 558 -13.70 -9.22 -5.18
N TYR A 559 -12.84 -8.52 -5.92
CA TYR A 559 -12.92 -7.07 -6.00
C TYR A 559 -14.25 -6.78 -6.69
N GLY A 560 -14.93 -5.71 -6.30
CA GLY A 560 -16.26 -5.44 -6.84
C GLY A 560 -17.38 -6.08 -6.03
N ALA A 561 -17.04 -7.08 -5.20
CA ALA A 561 -17.94 -7.54 -4.16
C ALA A 561 -18.00 -6.43 -3.11
N MET A 562 -19.10 -5.67 -3.13
CA MET A 562 -19.22 -4.46 -2.31
C MET A 562 -19.95 -4.65 -0.98
N ASN A 563 -20.54 -5.83 -0.78
CA ASN A 563 -21.33 -6.09 0.43
C ASN A 563 -20.84 -7.28 1.25
N THR A 564 -19.61 -7.72 1.03
CA THR A 564 -19.11 -8.94 1.65
C THR A 564 -19.39 -8.98 3.16
N TRP A 565 -19.17 -7.85 3.83
CA TRP A 565 -19.36 -7.76 5.28
C TRP A 565 -20.81 -7.83 5.70
N SER A 566 -21.72 -7.44 4.81
CA SER A 566 -23.16 -7.54 5.07
C SER A 566 -23.66 -8.97 4.81
N GLU A 567 -23.22 -9.58 3.71
CA GLU A 567 -23.74 -10.89 3.31
C GLU A 567 -23.07 -12.07 4.01
N ILE A 568 -21.90 -11.85 4.59
CA ILE A 568 -21.12 -12.95 5.20
C ILE A 568 -21.78 -13.47 6.49
N GLY A 569 -21.61 -14.77 6.74
CA GLY A 569 -22.15 -15.41 7.96
C GLY A 569 -21.51 -16.76 8.24
N VAL A 570 -21.94 -17.40 9.33
CA VAL A 570 -21.36 -18.68 9.77
C VAL A 570 -22.46 -19.74 9.89
N SER A 571 -22.14 -20.92 10.45
CA SER A 571 -23.16 -21.96 10.63
C SER A 571 -23.07 -22.80 11.93
N SER A 572 -22.24 -22.40 12.91
CA SER A 572 -22.23 -23.00 14.26
C SER A 572 -20.85 -22.94 14.94
N ALA A 573 -20.08 -24.01 14.80
CA ALA A 573 -18.72 -24.11 15.31
C ALA A 573 -17.80 -24.34 14.12
N LYS A 574 -16.53 -23.99 14.29
CA LYS A 574 -15.56 -24.07 13.20
C LYS A 574 -15.10 -25.51 13.00
N LEU A 575 -14.71 -25.82 11.76
CA LEU A 575 -14.24 -27.17 11.41
C LEU A 575 -12.85 -27.43 12.01
N SER B 1 -8.67 1.76 -3.82
CA SER B 1 -7.85 1.63 -2.58
C SER B 1 -6.94 2.85 -2.40
N LEU B 2 -5.75 2.63 -1.85
CA LEU B 2 -4.79 3.68 -1.56
C LEU B 2 -3.45 2.97 -1.33
N SER B 3 -2.34 3.69 -1.45
CA SER B 3 -1.03 3.07 -1.28
C SER B 3 -0.75 2.85 0.20
N GLN B 4 -0.40 1.62 0.58
CA GLN B 4 -0.17 1.27 1.98
C GLN B 4 1.06 0.38 2.16
N LEU B 5 1.84 0.66 3.22
CA LEU B 5 3.03 -0.12 3.54
C LEU B 5 2.68 -1.52 4.02
N SER B 6 3.41 -2.52 3.52
CA SER B 6 3.20 -3.91 3.91
C SER B 6 4.42 -4.45 4.63
N SER B 7 4.21 -5.45 5.48
CA SER B 7 5.30 -6.16 6.17
C SER B 7 5.88 -7.29 5.31
N GLN B 8 5.21 -7.59 4.20
CA GLN B 8 5.51 -8.77 3.39
C GLN B 8 6.82 -8.59 2.61
N SER B 9 7.19 -9.59 1.81
CA SER B 9 8.36 -9.48 0.92
C SER B 9 8.17 -10.28 -0.36
#